data_3F80
#
_entry.id   3F80
#
_cell.length_a   90.337
_cell.length_b   90.337
_cell.length_c   69.329
_cell.angle_alpha   90.00
_cell.angle_beta   90.00
_cell.angle_gamma   120.00
#
_symmetry.space_group_name_H-M   'P 3'
#
loop_
_entity.id
_entity.type
_entity.pdbx_description
1 polymer Arginase-1
2 non-polymer 'MANGANESE (II) ION'
3 non-polymer 6-nitro-L-norleucine
4 water water
#
_entity_poly.entity_id   1
_entity_poly.type   'polypeptide(L)'
_entity_poly.pdbx_seq_one_letter_code
;MSAKSRTIGIIGAPFSKGQPRGGVEEGPTVLRKAGLLEKLKEQECDVKDYGDLPFADIPNDSPFQIVKNPRSVGKASEQL
AGKVAEVKKNGRISLVLGGDHSLAIGSISGHARVHPDLGVIWVDAHTDINTPLTTTSGNLHGQPVSFLLKELKGKIPDVP
GFSWVTPCISAKDIVYIGLRDVDPGEHYILKTLGIKYFSMTEVDRLGIGKVMEETLSYLLGRKKRPIHLSFDVDGLDPSF
TPATGTPVVGGLTYREGLYITEEIYKTGLLSGLDIMEVNPSLGKTPEEVTRTVNTAVAITLACFGLAREGNHKPIDYLNP
PK
;
_entity_poly.pdbx_strand_id   A,B
#
loop_
_chem_comp.id
_chem_comp.type
_chem_comp.name
_chem_comp.formula
MN non-polymer 'MANGANESE (II) ION' 'Mn 2'
#
# COMPACT_ATOMS: atom_id res chain seq x y z
N ARG A 6 -17.84 -9.33 32.25
CA ARG A 6 -17.97 -7.91 32.68
C ARG A 6 -18.97 -7.11 31.84
N THR A 7 -18.93 -5.79 31.98
CA THR A 7 -19.84 -4.90 31.25
C THR A 7 -19.09 -4.19 30.14
N ILE A 8 -19.49 -4.51 28.91
CA ILE A 8 -18.81 -4.00 27.72
C ILE A 8 -19.57 -3.00 26.85
N GLY A 9 -18.78 -2.14 26.19
CA GLY A 9 -19.32 -1.13 25.28
C GLY A 9 -18.62 -1.31 23.96
N ILE A 10 -19.26 -2.02 23.02
CA ILE A 10 -18.66 -2.28 21.72
C ILE A 10 -18.78 -1.11 20.75
N ILE A 11 -17.67 -0.78 20.11
CA ILE A 11 -17.63 0.29 19.12
C ILE A 11 -16.75 -0.12 17.95
N GLY A 12 -17.37 -0.20 16.77
CA GLY A 12 -16.66 -0.56 15.57
C GLY A 12 -15.94 0.64 14.98
N ALA A 13 -14.70 0.42 14.53
CA ALA A 13 -13.89 1.47 13.94
C ALA A 13 -13.37 1.03 12.58
N PRO A 14 -14.25 0.97 11.57
CA PRO A 14 -13.84 0.56 10.24
C PRO A 14 -13.02 1.66 9.58
N PHE A 15 -11.73 1.71 9.92
CA PHE A 15 -10.81 2.73 9.40
C PHE A 15 -9.48 2.09 9.00
N SER A 16 -8.93 2.53 7.86
CA SER A 16 -7.68 1.98 7.34
C SER A 16 -6.59 2.99 6.92
N LYS A 17 -6.94 4.27 6.86
CA LYS A 17 -6.01 5.30 6.40
C LYS A 17 -4.75 5.58 7.22
N GLY A 18 -4.52 4.79 8.25
CA GLY A 18 -3.31 4.95 9.06
C GLY A 18 -2.20 4.12 8.44
N GLN A 19 -2.56 3.35 7.42
CA GLN A 19 -1.61 2.51 6.70
C GLN A 19 -2.08 2.27 5.23
N PRO A 20 -1.22 1.64 4.40
CA PRO A 20 -1.53 1.36 2.99
C PRO A 20 -2.60 0.37 2.55
N ARG A 21 -2.59 -0.84 3.11
CA ARG A 21 -3.54 -1.90 2.73
C ARG A 21 -4.99 -1.64 3.20
N GLY A 22 -5.94 -1.75 2.28
CA GLY A 22 -7.33 -1.46 2.61
C GLY A 22 -8.26 -2.39 3.38
N GLY A 23 -8.06 -3.70 3.29
CA GLY A 23 -8.95 -4.63 3.97
C GLY A 23 -9.16 -4.53 5.47
N VAL A 24 -8.28 -3.80 6.16
CA VAL A 24 -8.36 -3.66 7.60
C VAL A 24 -9.65 -2.99 8.11
N GLU A 25 -10.30 -2.18 7.26
CA GLU A 25 -11.54 -1.52 7.68
C GLU A 25 -12.71 -2.50 7.80
N GLU A 26 -12.49 -3.76 7.40
CA GLU A 26 -13.53 -4.79 7.49
C GLU A 26 -13.40 -5.56 8.80
N GLY A 27 -12.41 -5.18 9.61
CA GLY A 27 -12.19 -5.84 10.89
C GLY A 27 -13.44 -5.95 11.75
N PRO A 28 -14.16 -4.84 11.98
CA PRO A 28 -15.37 -4.91 12.80
C PRO A 28 -16.36 -5.94 12.24
N THR A 29 -16.50 -5.93 10.91
CA THR A 29 -17.42 -6.83 10.21
C THR A 29 -17.14 -8.32 10.39
N VAL A 30 -15.92 -8.76 10.09
CA VAL A 30 -15.58 -10.16 10.23
C VAL A 30 -15.57 -10.64 11.67
N LEU A 31 -15.26 -9.76 12.62
CA LEU A 31 -15.25 -10.11 14.03
C LEU A 31 -16.68 -10.30 14.53
N ARG A 32 -17.56 -9.38 14.18
CA ARG A 32 -18.97 -9.48 14.57
C ARG A 32 -19.58 -10.72 13.92
N LYS A 33 -19.20 -10.98 12.67
CA LYS A 33 -19.70 -12.14 11.94
C LYS A 33 -19.19 -13.45 12.54
N ALA A 34 -18.11 -13.37 13.30
CA ALA A 34 -17.55 -14.55 13.95
C ALA A 34 -18.35 -14.86 15.22
N GLY A 35 -19.33 -14.01 15.53
CA GLY A 35 -20.18 -14.21 16.70
C GLY A 35 -19.64 -13.67 18.00
N LEU A 36 -18.75 -12.68 17.92
CA LEU A 36 -18.14 -12.07 19.10
C LEU A 36 -19.13 -11.56 20.15
N LEU A 37 -20.17 -10.86 19.72
CA LEU A 37 -21.16 -10.35 20.66
C LEU A 37 -21.91 -11.50 21.34
N GLU A 38 -22.29 -12.49 20.56
CA GLU A 38 -23.00 -13.64 21.09
C GLU A 38 -22.13 -14.44 22.06
N LYS A 39 -20.87 -14.62 21.71
CA LYS A 39 -19.93 -15.34 22.57
C LYS A 39 -19.75 -14.62 23.90
N LEU A 40 -19.66 -13.29 23.85
CA LEU A 40 -19.50 -12.48 25.05
C LEU A 40 -20.72 -12.65 25.94
N LYS A 41 -21.90 -12.53 25.35
CA LYS A 41 -23.12 -12.68 26.11
C LYS A 41 -23.22 -14.08 26.70
N GLU A 42 -22.62 -15.06 26.02
CA GLU A 42 -22.64 -16.45 26.51
C GLU A 42 -21.88 -16.55 27.83
N GLN A 43 -21.06 -15.54 28.11
CA GLN A 43 -20.29 -15.49 29.36
C GLN A 43 -21.05 -14.56 30.29
N GLU A 44 -20.45 -14.24 31.43
CA GLU A 44 -21.10 -13.34 32.38
C GLU A 44 -21.03 -11.89 31.91
N CYS A 45 -21.24 -11.67 30.61
CA CYS A 45 -21.13 -10.31 30.05
C CYS A 45 -22.37 -9.52 29.66
N ASP A 46 -22.38 -8.25 30.10
CA ASP A 46 -23.46 -7.32 29.79
C ASP A 46 -22.92 -6.54 28.60
N VAL A 47 -23.41 -6.85 27.41
CA VAL A 47 -22.93 -6.22 26.19
C VAL A 47 -23.88 -5.21 25.53
N LYS A 48 -23.31 -4.08 25.12
CA LYS A 48 -24.06 -3.04 24.44
C LYS A 48 -23.25 -2.57 23.24
N ASP A 49 -23.82 -2.77 22.05
CA ASP A 49 -23.17 -2.40 20.80
C ASP A 49 -23.46 -0.94 20.48
N TYR A 50 -22.42 -0.10 20.47
CA TYR A 50 -22.59 1.30 20.14
C TYR A 50 -22.47 1.50 18.63
N GLY A 51 -22.45 0.39 17.90
CA GLY A 51 -22.37 0.42 16.45
C GLY A 51 -21.02 0.72 15.84
N ASP A 52 -20.98 0.78 14.51
CA ASP A 52 -19.76 1.07 13.78
C ASP A 52 -19.72 2.58 13.53
N LEU A 53 -18.61 3.22 13.88
CA LEU A 53 -18.48 4.67 13.68
C LEU A 53 -18.44 4.95 12.18
N PRO A 54 -19.24 5.94 11.73
CA PRO A 54 -19.24 6.29 10.31
C PRO A 54 -18.14 7.32 10.07
N PHE A 55 -17.04 6.90 9.46
CA PHE A 55 -15.93 7.79 9.20
C PHE A 55 -16.06 8.49 7.86
N ALA A 56 -16.63 9.69 7.89
CA ALA A 56 -16.84 10.49 6.70
C ALA A 56 -15.58 10.56 5.84
N ASP A 57 -15.79 10.55 4.53
CA ASP A 57 -14.72 10.61 3.55
C ASP A 57 -14.08 11.99 3.50
N ILE A 58 -12.75 12.03 3.53
CA ILE A 58 -11.99 13.28 3.46
C ILE A 58 -11.16 13.24 2.18
N PRO A 59 -11.77 13.58 1.02
CA PRO A 59 -11.15 13.59 -0.30
C PRO A 59 -9.87 14.41 -0.44
N ASN A 60 -9.86 15.59 0.17
CA ASN A 60 -8.68 16.45 0.11
C ASN A 60 -7.83 16.22 1.34
N ASP A 61 -6.83 15.36 1.19
CA ASP A 61 -5.97 15.03 2.31
C ASP A 61 -4.58 14.67 1.83
N SER A 62 -3.87 15.66 1.30
CA SER A 62 -2.51 15.47 0.80
C SER A 62 -1.55 15.30 1.99
N PRO A 63 -0.44 14.57 1.78
CA PRO A 63 0.54 14.33 2.84
C PRO A 63 1.09 15.58 3.50
N PHE A 64 1.42 15.45 4.79
CA PHE A 64 2.05 16.51 5.55
C PHE A 64 3.49 16.00 5.50
N GLN A 65 4.30 16.57 4.63
CA GLN A 65 5.68 16.10 4.48
C GLN A 65 5.61 14.64 4.01
N ILE A 66 6.02 13.73 4.88
CA ILE A 66 6.03 12.29 4.60
C ILE A 66 4.75 11.63 5.12
N VAL A 67 4.18 12.20 6.17
CA VAL A 67 2.96 11.70 6.83
C VAL A 67 1.73 11.63 5.92
N LYS A 68 1.20 10.42 5.75
CA LYS A 68 0.06 10.16 4.87
C LYS A 68 -1.34 10.20 5.51
N ASN A 69 -2.29 10.78 4.77
CA ASN A 69 -3.69 10.90 5.20
C ASN A 69 -3.84 11.46 6.62
N PRO A 70 -3.11 12.54 6.95
CA PRO A 70 -3.20 13.11 8.29
C PRO A 70 -4.58 13.58 8.75
N ARG A 71 -5.32 14.23 7.85
CA ARG A 71 -6.65 14.72 8.20
C ARG A 71 -7.65 13.59 8.44
N SER A 72 -7.57 12.55 7.60
CA SER A 72 -8.47 11.41 7.73
C SER A 72 -8.19 10.67 9.03
N VAL A 73 -6.93 10.43 9.32
CA VAL A 73 -6.52 9.74 10.52
C VAL A 73 -6.88 10.56 11.75
N GLY A 74 -6.53 11.84 11.72
CA GLY A 74 -6.81 12.73 12.85
C GLY A 74 -8.28 12.85 13.17
N LYS A 75 -9.12 12.90 12.14
CA LYS A 75 -10.56 13.02 12.30
C LYS A 75 -11.14 11.72 12.86
N ALA A 76 -10.72 10.59 12.30
CA ALA A 76 -11.20 9.28 12.75
C ALA A 76 -10.92 9.07 14.24
N SER A 77 -9.73 9.45 14.69
CA SER A 77 -9.37 9.32 16.09
C SER A 77 -10.19 10.30 16.95
N GLU A 78 -10.41 11.50 16.43
CA GLU A 78 -11.19 12.50 17.16
C GLU A 78 -12.59 11.96 17.41
N GLN A 79 -13.20 11.38 16.37
CA GLN A 79 -14.54 10.82 16.48
C GLN A 79 -14.55 9.64 17.44
N LEU A 80 -13.54 8.79 17.34
CA LEU A 80 -13.45 7.64 18.24
C LEU A 80 -13.23 8.05 19.69
N ALA A 81 -12.41 9.08 19.91
CA ALA A 81 -12.16 9.56 21.27
C ALA A 81 -13.48 9.92 21.94
N GLY A 82 -14.36 10.59 21.19
CA GLY A 82 -15.63 10.99 21.73
C GLY A 82 -16.54 9.80 22.06
N LYS A 83 -16.50 8.78 21.21
CA LYS A 83 -17.33 7.60 21.43
C LYS A 83 -16.87 6.81 22.64
N VAL A 84 -15.56 6.65 22.77
CA VAL A 84 -14.97 5.92 23.89
C VAL A 84 -15.27 6.60 25.23
N ALA A 85 -15.20 7.94 25.26
CA ALA A 85 -15.49 8.68 26.48
C ALA A 85 -16.96 8.47 26.84
N GLU A 86 -17.83 8.43 25.84
CA GLU A 86 -19.25 8.23 26.08
C GLU A 86 -19.54 6.83 26.64
N VAL A 87 -18.86 5.82 26.13
CA VAL A 87 -19.05 4.46 26.64
C VAL A 87 -18.49 4.39 28.07
N LYS A 88 -17.37 5.08 28.31
CA LYS A 88 -16.78 5.07 29.64
C LYS A 88 -17.70 5.79 30.64
N LYS A 89 -18.33 6.87 30.21
CA LYS A 89 -19.24 7.61 31.11
C LYS A 89 -20.48 6.76 31.41
N ASN A 90 -20.72 5.73 30.59
CA ASN A 90 -21.86 4.84 30.80
C ASN A 90 -21.48 3.69 31.72
N GLY A 91 -20.25 3.74 32.24
CA GLY A 91 -19.78 2.70 33.14
C GLY A 91 -19.48 1.38 32.47
N ARG A 92 -18.97 1.43 31.24
CA ARG A 92 -18.67 0.21 30.50
C ARG A 92 -17.25 0.18 29.97
N ILE A 93 -16.69 -1.02 29.86
CA ILE A 93 -15.34 -1.21 29.32
C ILE A 93 -15.45 -1.05 27.81
N SER A 94 -14.76 -0.06 27.25
CA SER A 94 -14.79 0.17 25.82
C SER A 94 -14.03 -0.93 25.08
N LEU A 95 -14.65 -1.47 24.04
CA LEU A 95 -14.03 -2.50 23.22
C LEU A 95 -14.04 -1.97 21.81
N VAL A 96 -12.89 -1.49 21.35
CA VAL A 96 -12.80 -0.95 20.00
C VAL A 96 -12.35 -2.02 19.02
N LEU A 97 -13.26 -2.38 18.12
CA LEU A 97 -12.96 -3.36 17.08
C LEU A 97 -12.48 -2.45 15.98
N GLY A 98 -11.20 -2.45 15.70
CA GLY A 98 -10.75 -1.50 14.70
C GLY A 98 -10.17 -1.94 13.40
N GLY A 99 -9.68 -0.92 12.72
CA GLY A 99 -9.00 -1.08 11.46
C GLY A 99 -7.58 -0.97 11.94
N ASP A 100 -6.85 0.02 11.42
CA ASP A 100 -5.45 0.17 11.78
C ASP A 100 -5.21 0.76 13.18
N HIS A 101 -3.99 0.57 13.68
CA HIS A 101 -3.61 1.04 15.01
C HIS A 101 -3.51 2.54 15.24
N SER A 102 -3.65 3.35 14.20
CA SER A 102 -3.58 4.80 14.40
C SER A 102 -4.76 5.20 15.30
N LEU A 103 -5.83 4.41 15.26
CA LEU A 103 -7.03 4.66 16.06
C LEU A 103 -6.74 4.68 17.55
N ALA A 104 -5.57 4.18 17.96
CA ALA A 104 -5.18 4.16 19.36
C ALA A 104 -5.14 5.58 19.92
N ILE A 105 -4.81 6.55 19.07
CA ILE A 105 -4.75 7.95 19.49
C ILE A 105 -6.11 8.39 20.06
N GLY A 106 -7.18 8.06 19.35
CA GLY A 106 -8.50 8.44 19.80
C GLY A 106 -9.02 7.60 20.96
N SER A 107 -8.75 6.30 20.90
CA SER A 107 -9.18 5.37 21.94
C SER A 107 -8.60 5.73 23.30
N ILE A 108 -7.27 5.84 23.37
CA ILE A 108 -6.62 6.18 24.64
C ILE A 108 -6.98 7.60 25.05
N SER A 109 -7.09 8.51 24.08
CA SER A 109 -7.45 9.89 24.37
C SER A 109 -8.82 10.00 25.05
N GLY A 110 -9.83 9.41 24.42
CA GLY A 110 -11.18 9.44 24.98
C GLY A 110 -11.24 8.72 26.32
N HIS A 111 -10.54 7.60 26.41
CA HIS A 111 -10.50 6.83 27.64
C HIS A 111 -9.92 7.68 28.78
N ALA A 112 -8.81 8.37 28.50
CA ALA A 112 -8.15 9.21 29.49
C ALA A 112 -8.95 10.43 29.91
N ARG A 113 -9.95 10.81 29.11
CA ARG A 113 -10.78 11.96 29.46
C ARG A 113 -11.61 11.61 30.69
N VAL A 114 -12.06 10.37 30.76
CA VAL A 114 -12.86 9.90 31.88
C VAL A 114 -11.97 9.31 32.97
N HIS A 115 -10.84 8.73 32.59
CA HIS A 115 -9.93 8.10 33.56
C HIS A 115 -8.47 8.52 33.32
N PRO A 116 -8.12 9.76 33.66
CA PRO A 116 -6.76 10.29 33.49
C PRO A 116 -5.61 9.50 34.12
N ASP A 117 -5.93 8.65 35.10
CA ASP A 117 -4.93 7.85 35.80
C ASP A 117 -4.68 6.47 35.18
N LEU A 118 -5.21 6.27 33.99
CA LEU A 118 -5.07 4.98 33.31
C LEU A 118 -3.63 4.57 33.00
N GLY A 119 -3.43 3.26 32.90
CA GLY A 119 -2.14 2.68 32.59
C GLY A 119 -2.34 1.89 31.31
N VAL A 120 -1.34 1.90 30.43
CA VAL A 120 -1.47 1.21 29.16
C VAL A 120 -0.55 0.02 28.96
N ILE A 121 -1.11 -1.07 28.45
CA ILE A 121 -0.35 -2.26 28.11
C ILE A 121 -0.50 -2.35 26.61
N TRP A 122 0.63 -2.29 25.90
CA TRP A 122 0.67 -2.32 24.44
C TRP A 122 1.28 -3.62 23.92
N VAL A 123 0.42 -4.52 23.46
CA VAL A 123 0.86 -5.81 22.92
C VAL A 123 1.02 -5.60 21.42
N ASP A 124 2.25 -5.70 20.94
CA ASP A 124 2.53 -5.42 19.55
C ASP A 124 3.93 -5.89 19.16
N ALA A 125 4.13 -6.13 17.87
CA ALA A 125 5.45 -6.50 17.36
C ALA A 125 6.23 -5.20 17.18
N HIS A 126 5.49 -4.08 17.19
CA HIS A 126 6.05 -2.73 16.99
C HIS A 126 5.73 -1.79 18.16
N THR A 127 6.56 -0.77 18.34
CA THR A 127 6.37 0.21 19.41
C THR A 127 5.40 1.34 19.02
N ASP A 128 5.18 1.52 17.73
CA ASP A 128 4.28 2.56 17.22
C ASP A 128 4.51 3.91 17.89
N ILE A 129 5.78 4.24 18.10
CA ILE A 129 6.15 5.48 18.76
C ILE A 129 6.92 6.46 17.86
N ASN A 130 6.88 6.24 16.54
CA ASN A 130 7.55 7.17 15.63
C ASN A 130 6.82 8.51 15.70
N THR A 131 7.55 9.61 15.49
CA THR A 131 6.93 10.92 15.48
C THR A 131 6.73 11.21 13.99
N PRO A 132 6.02 12.30 13.65
CA PRO A 132 5.84 12.59 12.22
C PRO A 132 7.20 12.91 11.59
N LEU A 133 8.19 13.14 12.43
CA LEU A 133 9.53 13.48 11.95
C LEU A 133 10.54 12.32 11.97
N THR A 134 10.25 11.26 12.71
CA THR A 134 11.15 10.12 12.74
C THR A 134 10.64 9.01 11.84
N THR A 135 9.34 9.01 11.56
CA THR A 135 8.76 7.98 10.71
C THR A 135 9.45 7.96 9.34
N THR A 136 9.59 6.77 8.79
CA THR A 136 10.20 6.66 7.47
C THR A 136 9.15 6.14 6.48
N SER A 137 8.10 5.50 7.02
CA SER A 137 7.02 4.96 6.20
C SER A 137 5.95 6.02 5.95
N GLY A 138 5.75 6.91 6.92
CA GLY A 138 4.73 7.93 6.78
C GLY A 138 3.36 7.39 7.16
N ASN A 139 3.31 6.11 7.55
CA ASN A 139 2.05 5.49 7.95
C ASN A 139 1.78 5.87 9.41
N LEU A 140 0.62 6.47 9.66
CA LEU A 140 0.29 6.89 11.01
C LEU A 140 0.01 5.79 12.03
N HIS A 141 -0.23 4.55 11.57
CA HIS A 141 -0.46 3.50 12.56
C HIS A 141 0.86 3.14 13.26
N GLY A 142 1.96 3.74 12.80
CA GLY A 142 3.26 3.50 13.40
C GLY A 142 3.70 4.68 14.25
N GLN A 143 2.77 5.61 14.51
CA GLN A 143 3.06 6.80 15.29
C GLN A 143 2.09 7.15 16.43
N PRO A 144 0.99 6.37 16.62
CA PRO A 144 0.05 6.73 17.70
C PRO A 144 0.60 7.07 19.08
N VAL A 145 1.57 6.30 19.58
CA VAL A 145 2.12 6.57 20.89
C VAL A 145 2.82 7.93 21.04
N SER A 146 3.46 8.40 19.96
CA SER A 146 4.17 9.68 20.02
C SER A 146 3.22 10.85 20.29
N PHE A 147 2.00 10.76 19.77
CA PHE A 147 0.99 11.81 19.95
C PHE A 147 0.41 11.84 21.36
N LEU A 148 0.46 10.69 22.03
CA LEU A 148 -0.10 10.54 23.37
C LEU A 148 0.86 10.83 24.53
N LEU A 149 2.16 10.68 24.29
CA LEU A 149 3.16 10.91 25.34
C LEU A 149 3.44 12.37 25.63
N LYS A 150 3.26 12.77 26.89
CA LYS A 150 3.51 14.15 27.30
C LYS A 150 4.96 14.58 27.08
N GLU A 151 5.90 13.67 27.34
CA GLU A 151 7.32 13.96 27.18
C GLU A 151 7.74 14.30 25.76
N LEU A 152 6.96 13.83 24.78
CA LEU A 152 7.29 14.08 23.38
C LEU A 152 6.58 15.31 22.82
N LYS A 153 5.83 15.99 23.68
CA LYS A 153 5.12 17.21 23.30
C LYS A 153 6.21 18.27 23.11
N GLY A 154 6.43 18.62 21.85
CA GLY A 154 7.46 19.59 21.50
C GLY A 154 8.22 19.04 20.31
N LYS A 155 8.14 17.73 20.14
CA LYS A 155 8.80 17.06 19.03
C LYS A 155 7.75 16.59 18.03
N ILE A 156 6.52 17.05 18.22
CA ILE A 156 5.42 16.71 17.34
C ILE A 156 4.94 17.97 16.62
N PRO A 157 5.21 18.05 15.30
CA PRO A 157 4.80 19.22 14.50
C PRO A 157 3.28 19.33 14.45
N ASP A 158 2.79 20.49 14.02
CA ASP A 158 1.35 20.67 13.93
C ASP A 158 0.85 20.00 12.66
N VAL A 159 0.52 18.72 12.78
CA VAL A 159 0.02 17.93 11.66
C VAL A 159 -1.46 18.18 11.47
N PRO A 160 -1.87 18.52 10.23
CA PRO A 160 -3.29 18.78 9.94
C PRO A 160 -4.17 17.64 10.42
N GLY A 161 -5.22 17.97 11.19
CA GLY A 161 -6.14 16.98 11.70
C GLY A 161 -5.95 16.58 13.15
N PHE A 162 -4.86 17.00 13.77
CA PHE A 162 -4.62 16.62 15.16
C PHE A 162 -4.50 17.78 16.15
N SER A 163 -5.12 18.91 15.85
CA SER A 163 -5.03 20.04 16.77
C SER A 163 -5.81 19.75 18.05
N TRP A 164 -6.73 18.78 17.97
CA TRP A 164 -7.55 18.40 19.11
C TRP A 164 -6.82 17.51 20.11
N VAL A 165 -5.68 16.96 19.70
CA VAL A 165 -4.91 16.08 20.56
C VAL A 165 -4.18 16.79 21.69
N THR A 166 -4.16 16.13 22.84
CA THR A 166 -3.47 16.61 24.03
C THR A 166 -2.86 15.38 24.69
N PRO A 167 -1.52 15.28 24.70
CA PRO A 167 -0.82 14.14 25.31
C PRO A 167 -1.47 13.82 26.65
N CYS A 168 -1.83 12.55 26.86
CA CYS A 168 -2.49 12.16 28.09
C CYS A 168 -1.79 11.11 28.95
N ILE A 169 -0.65 10.61 28.50
CA ILE A 169 0.08 9.61 29.28
C ILE A 169 1.56 9.95 29.36
N SER A 170 2.20 9.53 30.46
CA SER A 170 3.61 9.76 30.66
C SER A 170 4.37 8.50 30.30
N ALA A 171 5.66 8.63 30.05
CA ALA A 171 6.51 7.50 29.69
C ALA A 171 6.32 6.31 30.61
N LYS A 172 6.12 6.55 31.90
CA LYS A 172 5.97 5.45 32.86
C LYS A 172 4.58 4.84 33.05
N ASP A 173 3.62 5.23 32.23
CA ASP A 173 2.27 4.67 32.34
C ASP A 173 1.99 3.70 31.21
N ILE A 174 3.04 3.27 30.53
CA ILE A 174 2.90 2.34 29.41
C ILE A 174 3.94 1.22 29.50
N VAL A 175 3.53 0.01 29.13
CA VAL A 175 4.41 -1.16 29.11
C VAL A 175 4.18 -1.85 27.77
N TYR A 176 5.25 -2.16 27.06
CA TYR A 176 5.17 -2.85 25.78
C TYR A 176 5.47 -4.33 25.98
N ILE A 177 4.76 -5.18 25.25
CA ILE A 177 4.99 -6.63 25.30
C ILE A 177 4.93 -7.18 23.87
N GLY A 178 5.97 -7.93 23.48
CA GLY A 178 6.01 -8.54 22.17
C GLY A 178 6.88 -7.92 21.09
N LEU A 179 7.58 -6.84 21.41
CA LEU A 179 8.40 -6.14 20.44
C LEU A 179 9.44 -7.00 19.71
N ARG A 180 9.52 -6.81 18.40
CA ARG A 180 10.50 -7.52 17.58
C ARG A 180 10.89 -6.84 16.26
N ASP A 181 10.30 -5.67 15.99
CA ASP A 181 10.63 -4.87 14.80
C ASP A 181 10.46 -3.40 15.17
N VAL A 182 11.49 -2.84 15.81
CA VAL A 182 11.49 -1.45 16.27
C VAL A 182 12.45 -0.61 15.42
N ASP A 183 11.97 0.54 14.97
CA ASP A 183 12.78 1.43 14.16
C ASP A 183 13.86 2.09 15.03
N PRO A 184 14.99 2.51 14.44
CA PRO A 184 16.08 3.16 15.18
C PRO A 184 15.64 4.35 16.04
N GLY A 185 14.89 5.27 15.43
CA GLY A 185 14.43 6.44 16.16
C GLY A 185 13.52 6.04 17.31
N GLU A 186 12.74 4.97 17.11
CA GLU A 186 11.84 4.49 18.15
C GLU A 186 12.64 3.92 19.31
N HIS A 187 13.71 3.19 18.99
CA HIS A 187 14.55 2.60 20.02
C HIS A 187 15.22 3.72 20.81
N TYR A 188 15.63 4.77 20.12
CA TYR A 188 16.26 5.92 20.77
C TYR A 188 15.29 6.51 21.80
N ILE A 189 14.02 6.70 21.40
CA ILE A 189 12.98 7.22 22.28
C ILE A 189 12.76 6.27 23.46
N LEU A 190 12.78 4.96 23.19
CA LEU A 190 12.59 3.96 24.24
C LEU A 190 13.61 4.10 25.35
N LYS A 191 14.88 4.17 24.98
CA LYS A 191 15.96 4.27 25.95
C LYS A 191 16.08 5.65 26.57
N THR A 192 15.77 6.70 25.81
CA THR A 192 15.86 8.06 26.31
C THR A 192 14.77 8.41 27.34
N LEU A 193 13.56 7.93 27.10
CA LEU A 193 12.45 8.20 28.01
C LEU A 193 12.33 7.13 29.10
N GLY A 194 13.15 6.09 29.02
CA GLY A 194 13.11 5.04 30.03
C GLY A 194 11.82 4.24 30.04
N ILE A 195 11.23 4.07 28.86
CA ILE A 195 9.98 3.32 28.73
C ILE A 195 10.14 1.83 29.08
N LYS A 196 9.18 1.29 29.82
CA LYS A 196 9.23 -0.12 30.22
C LYS A 196 8.75 -0.99 29.07
N TYR A 197 9.54 -1.98 28.71
CA TYR A 197 9.20 -2.88 27.62
C TYR A 197 9.74 -4.29 27.82
N PHE A 198 9.03 -5.25 27.23
CA PHE A 198 9.43 -6.64 27.27
C PHE A 198 9.36 -7.05 25.81
N SER A 199 10.50 -6.99 25.12
CA SER A 199 10.56 -7.38 23.72
C SER A 199 10.50 -8.90 23.72
N MET A 200 10.50 -9.51 22.54
CA MET A 200 10.46 -10.96 22.47
C MET A 200 11.66 -11.54 23.21
N THR A 201 12.75 -10.77 23.26
CA THR A 201 13.96 -11.23 23.96
C THR A 201 13.68 -11.39 25.45
N GLU A 202 13.01 -10.41 26.06
CA GLU A 202 12.67 -10.46 27.48
C GLU A 202 11.70 -11.60 27.75
N VAL A 203 10.77 -11.82 26.82
CA VAL A 203 9.80 -12.90 26.96
C VAL A 203 10.55 -14.23 26.93
N ASP A 204 11.50 -14.36 26.01
CA ASP A 204 12.28 -15.60 25.91
C ASP A 204 13.08 -15.84 27.20
N ARG A 205 13.68 -14.76 27.71
CA ARG A 205 14.48 -14.80 28.92
C ARG A 205 13.71 -15.12 30.21
N LEU A 206 12.66 -14.34 30.47
CA LEU A 206 11.88 -14.49 31.70
C LEU A 206 10.68 -15.42 31.69
N GLY A 207 10.08 -15.63 30.51
CA GLY A 207 8.90 -16.46 30.43
C GLY A 207 7.74 -15.49 30.54
N ILE A 208 6.62 -15.81 29.89
CA ILE A 208 5.46 -14.92 29.90
C ILE A 208 4.86 -14.72 31.29
N GLY A 209 5.07 -15.68 32.20
CA GLY A 209 4.55 -15.55 33.54
C GLY A 209 5.19 -14.39 34.28
N LYS A 210 6.52 -14.39 34.33
CA LYS A 210 7.28 -13.34 34.99
C LYS A 210 7.04 -11.99 34.31
N VAL A 211 6.94 -12.01 32.98
CA VAL A 211 6.69 -10.79 32.20
C VAL A 211 5.39 -10.12 32.67
N MET A 212 4.32 -10.90 32.79
CA MET A 212 3.04 -10.36 33.23
C MET A 212 3.11 -9.90 34.68
N GLU A 213 3.78 -10.68 35.51
CA GLU A 213 3.91 -10.31 36.92
C GLU A 213 4.56 -8.93 37.01
N GLU A 214 5.68 -8.77 36.30
CA GLU A 214 6.41 -7.50 36.30
C GLU A 214 5.63 -6.37 35.63
N THR A 215 4.86 -6.71 34.60
CA THR A 215 4.07 -5.72 33.89
C THR A 215 3.00 -5.10 34.79
N LEU A 216 2.23 -5.98 35.45
CA LEU A 216 1.15 -5.54 36.32
C LEU A 216 1.67 -4.89 37.61
N SER A 217 2.78 -5.39 38.12
CA SER A 217 3.36 -4.81 39.33
C SER A 217 3.88 -3.42 39.00
N TYR A 218 4.44 -3.28 37.81
CA TYR A 218 4.98 -2.00 37.36
C TYR A 218 3.90 -0.93 37.22
N LEU A 219 2.77 -1.30 36.62
CA LEU A 219 1.66 -0.36 36.42
C LEU A 219 0.75 -0.19 37.63
N LEU A 220 0.62 -1.22 38.45
CA LEU A 220 -0.28 -1.16 39.61
C LEU A 220 0.43 -1.13 40.95
N GLY A 221 1.76 -1.11 40.92
CA GLY A 221 2.54 -1.08 42.15
C GLY A 221 2.11 0.00 43.13
N ARG A 222 2.38 1.25 42.81
CA ARG A 222 2.01 2.38 43.67
C ARG A 222 0.55 2.24 44.12
N LYS A 223 -0.37 2.26 43.15
CA LYS A 223 -1.80 2.12 43.44
C LYS A 223 -2.57 1.56 42.25
N LYS A 224 -3.76 1.03 42.52
CA LYS A 224 -4.60 0.48 41.46
C LYS A 224 -5.11 1.60 40.56
N ARG A 225 -5.19 1.32 39.26
CA ARG A 225 -5.64 2.29 38.26
C ARG A 225 -6.31 1.56 37.10
N PRO A 226 -7.14 2.28 36.32
CA PRO A 226 -7.80 1.62 35.19
C PRO A 226 -6.77 1.21 34.14
N ILE A 227 -6.95 0.03 33.54
CA ILE A 227 -6.02 -0.46 32.53
C ILE A 227 -6.56 -0.37 31.11
N HIS A 228 -5.70 0.06 30.20
CA HIS A 228 -6.05 0.16 28.79
C HIS A 228 -5.16 -0.80 28.01
N LEU A 229 -5.77 -1.80 27.39
CA LEU A 229 -5.01 -2.78 26.61
C LEU A 229 -5.17 -2.51 25.13
N SER A 230 -4.08 -2.15 24.46
CA SER A 230 -4.13 -1.91 23.02
C SER A 230 -3.47 -3.15 22.42
N PHE A 231 -4.29 -4.01 21.83
CA PHE A 231 -3.79 -5.25 21.27
C PHE A 231 -3.72 -5.28 19.74
N ASP A 232 -2.50 -5.27 19.23
CA ASP A 232 -2.27 -5.34 17.79
C ASP A 232 -2.14 -6.82 17.52
N VAL A 233 -2.98 -7.36 16.66
CA VAL A 233 -2.93 -8.78 16.39
C VAL A 233 -1.58 -9.25 15.82
N ASP A 234 -0.77 -8.34 15.28
CA ASP A 234 0.52 -8.76 14.75
C ASP A 234 1.55 -8.95 15.86
N GLY A 235 1.09 -8.74 17.11
CA GLY A 235 1.94 -8.94 18.26
C GLY A 235 2.14 -10.45 18.37
N LEU A 236 1.10 -11.19 18.02
CA LEU A 236 1.14 -12.65 18.04
C LEU A 236 1.81 -13.14 16.77
N ASP A 237 2.42 -14.32 16.81
CA ASP A 237 3.11 -14.87 15.65
C ASP A 237 2.16 -15.03 14.47
N PRO A 238 2.63 -14.76 13.23
CA PRO A 238 1.78 -14.88 12.05
C PRO A 238 1.27 -16.30 11.76
N SER A 239 1.70 -17.27 12.56
CA SER A 239 1.22 -18.64 12.38
C SER A 239 -0.18 -18.69 13.00
N PHE A 240 -0.50 -17.65 13.77
CA PHE A 240 -1.79 -17.54 14.44
C PHE A 240 -2.66 -16.42 13.85
N THR A 241 -2.02 -15.31 13.49
CA THR A 241 -2.73 -14.16 12.91
C THR A 241 -2.03 -13.69 11.63
N PRO A 242 -2.11 -14.49 10.56
CA PRO A 242 -1.48 -14.16 9.28
C PRO A 242 -2.10 -12.98 8.51
N ALA A 243 -3.41 -12.82 8.62
CA ALA A 243 -4.13 -11.77 7.93
C ALA A 243 -3.98 -10.41 8.61
N THR A 244 -2.79 -9.84 8.51
CA THR A 244 -2.49 -8.56 9.12
C THR A 244 -1.46 -7.86 8.23
N GLY A 245 -1.50 -6.53 8.21
CA GLY A 245 -0.60 -5.78 7.35
C GLY A 245 0.91 -5.86 7.53
N THR A 246 1.36 -5.81 8.79
CA THR A 246 2.80 -5.86 9.07
C THR A 246 3.21 -7.03 9.96
N PRO A 247 3.11 -8.26 9.42
CA PRO A 247 3.49 -9.44 10.21
C PRO A 247 5.01 -9.59 10.37
N VAL A 248 5.43 -10.12 11.53
CA VAL A 248 6.84 -10.35 11.81
C VAL A 248 6.97 -11.72 12.50
N VAL A 249 7.80 -12.60 11.94
CA VAL A 249 7.99 -13.94 12.49
C VAL A 249 8.59 -13.90 13.89
N GLY A 250 8.41 -15.00 14.62
CA GLY A 250 8.92 -15.11 15.98
C GLY A 250 8.10 -14.35 17.00
N GLY A 251 6.78 -14.32 16.82
CA GLY A 251 5.94 -13.58 17.73
C GLY A 251 5.44 -14.35 18.94
N LEU A 252 4.54 -13.72 19.69
CA LEU A 252 3.94 -14.33 20.86
C LEU A 252 3.06 -15.48 20.40
N THR A 253 3.06 -16.56 21.17
CA THR A 253 2.25 -17.71 20.83
C THR A 253 0.79 -17.48 21.20
N TYR A 254 -0.06 -18.35 20.68
CA TYR A 254 -1.49 -18.32 20.94
C TYR A 254 -1.64 -18.36 22.47
N ARG A 255 -0.95 -19.32 23.08
CA ARG A 255 -0.96 -19.51 24.54
C ARG A 255 -0.55 -18.27 25.31
N GLU A 256 0.56 -17.65 24.92
CA GLU A 256 1.03 -16.43 25.59
C GLU A 256 -0.01 -15.32 25.41
N GLY A 257 -0.61 -15.26 24.22
CA GLY A 257 -1.63 -14.26 23.99
C GLY A 257 -2.77 -14.41 24.98
N LEU A 258 -3.19 -15.65 25.20
CA LEU A 258 -4.27 -15.93 26.13
C LEU A 258 -3.81 -15.74 27.58
N TYR A 259 -2.53 -15.95 27.83
CA TYR A 259 -2.03 -15.79 29.18
C TYR A 259 -2.06 -14.32 29.56
N ILE A 260 -1.51 -13.48 28.68
CA ILE A 260 -1.49 -12.03 28.87
C ILE A 260 -2.88 -11.50 29.25
N THR A 261 -3.86 -11.83 28.41
CA THR A 261 -5.23 -11.38 28.58
C THR A 261 -5.97 -11.98 29.79
N GLU A 262 -5.72 -13.24 30.09
CA GLU A 262 -6.35 -13.88 31.24
C GLU A 262 -5.88 -13.17 32.50
N GLU A 263 -4.58 -12.87 32.55
CA GLU A 263 -3.98 -12.18 33.69
C GLU A 263 -4.50 -10.75 33.85
N ILE A 264 -4.72 -10.09 32.73
CA ILE A 264 -5.23 -8.71 32.75
C ILE A 264 -6.67 -8.78 33.26
N TYR A 265 -7.42 -9.77 32.80
CA TYR A 265 -8.80 -9.92 33.24
C TYR A 265 -8.88 -10.09 34.75
N LYS A 266 -8.07 -11.00 35.27
CA LYS A 266 -8.03 -11.29 36.71
C LYS A 266 -7.74 -10.08 37.59
N THR A 267 -7.16 -9.02 37.03
CA THR A 267 -6.88 -7.82 37.82
C THR A 267 -8.19 -7.13 38.17
N GLY A 268 -9.18 -7.30 37.30
CA GLY A 268 -10.48 -6.68 37.52
C GLY A 268 -10.41 -5.21 37.17
N LEU A 269 -9.29 -4.80 36.59
CA LEU A 269 -9.07 -3.41 36.22
C LEU A 269 -9.12 -3.08 34.72
N LEU A 270 -9.40 -4.06 33.87
CA LEU A 270 -9.47 -3.76 32.43
C LEU A 270 -10.53 -2.68 32.26
N SER A 271 -10.12 -1.55 31.68
CA SER A 271 -11.00 -0.40 31.48
C SER A 271 -11.22 -0.07 29.99
N GLY A 272 -10.21 -0.31 29.17
CA GLY A 272 -10.32 -0.05 27.74
C GLY A 272 -9.60 -1.14 26.97
N LEU A 273 -10.14 -1.53 25.81
CA LEU A 273 -9.52 -2.57 25.00
C LEU A 273 -9.60 -2.27 23.51
N ASP A 274 -8.51 -2.54 22.80
CA ASP A 274 -8.44 -2.34 21.36
C ASP A 274 -7.97 -3.63 20.73
N ILE A 275 -8.73 -4.16 19.76
CA ILE A 275 -8.32 -5.36 19.02
C ILE A 275 -8.11 -4.78 17.63
N MET A 276 -6.85 -4.58 17.28
CA MET A 276 -6.49 -3.93 16.03
C MET A 276 -5.69 -4.71 14.99
N GLU A 277 -5.68 -4.14 13.79
CA GLU A 277 -4.96 -4.65 12.63
C GLU A 277 -5.39 -5.97 11.98
N VAL A 278 -6.63 -6.39 12.21
CA VAL A 278 -7.10 -7.60 11.56
C VAL A 278 -7.50 -7.20 10.14
N ASN A 279 -6.80 -7.73 9.12
CA ASN A 279 -7.10 -7.41 7.72
C ASN A 279 -7.48 -8.67 6.95
N PRO A 280 -8.79 -8.97 6.85
CA PRO A 280 -9.31 -10.14 6.13
C PRO A 280 -8.85 -10.28 4.68
N SER A 281 -8.60 -9.14 4.02
CA SER A 281 -8.17 -9.13 2.62
C SER A 281 -6.76 -9.64 2.42
N LEU A 282 -5.98 -9.71 3.48
CA LEU A 282 -4.59 -10.16 3.37
C LEU A 282 -4.38 -11.65 3.63
N GLY A 283 -5.46 -12.37 3.89
CA GLY A 283 -5.34 -13.80 4.11
C GLY A 283 -5.02 -14.48 2.79
N LYS A 284 -3.93 -15.25 2.76
CA LYS A 284 -3.52 -15.96 1.55
C LYS A 284 -4.55 -17.02 1.18
N THR A 285 -5.36 -17.41 2.16
CA THR A 285 -6.40 -18.43 1.96
C THR A 285 -7.58 -18.08 2.86
N PRO A 286 -8.74 -18.72 2.63
CA PRO A 286 -9.90 -18.42 3.48
C PRO A 286 -9.64 -18.89 4.90
N GLU A 287 -8.82 -19.94 5.03
CA GLU A 287 -8.49 -20.50 6.34
C GLU A 287 -7.58 -19.56 7.14
N GLU A 288 -6.70 -18.84 6.46
CA GLU A 288 -5.83 -17.90 7.13
C GLU A 288 -6.68 -16.76 7.69
N VAL A 289 -7.75 -16.43 6.98
CA VAL A 289 -8.66 -15.38 7.45
C VAL A 289 -9.38 -15.84 8.71
N THR A 290 -9.98 -17.04 8.67
CA THR A 290 -10.69 -17.55 9.83
C THR A 290 -9.73 -17.82 11.00
N ARG A 291 -8.51 -18.24 10.69
CA ARG A 291 -7.52 -18.50 11.73
C ARG A 291 -7.19 -17.21 12.46
N THR A 292 -7.10 -16.11 11.72
CA THR A 292 -6.78 -14.81 12.31
C THR A 292 -7.94 -14.27 13.12
N VAL A 293 -9.14 -14.32 12.54
CA VAL A 293 -10.34 -13.85 13.22
C VAL A 293 -10.64 -14.72 14.44
N ASN A 294 -10.42 -16.02 14.32
CA ASN A 294 -10.66 -16.92 15.44
C ASN A 294 -9.74 -16.62 16.61
N THR A 295 -8.48 -16.30 16.30
CA THR A 295 -7.52 -15.99 17.36
C THR A 295 -7.89 -14.65 17.99
N ALA A 296 -8.30 -13.69 17.17
CA ALA A 296 -8.67 -12.37 17.67
C ALA A 296 -9.86 -12.47 18.61
N VAL A 297 -10.83 -13.33 18.28
CA VAL A 297 -12.01 -13.51 19.13
C VAL A 297 -11.60 -14.16 20.46
N ALA A 298 -10.77 -15.20 20.38
CA ALA A 298 -10.29 -15.91 21.55
C ALA A 298 -9.61 -14.97 22.54
N ILE A 299 -8.72 -14.13 22.02
CA ILE A 299 -8.02 -13.16 22.85
C ILE A 299 -9.02 -12.22 23.51
N THR A 300 -10.03 -11.79 22.73
CA THR A 300 -11.05 -10.89 23.26
C THR A 300 -11.86 -11.54 24.37
N LEU A 301 -12.25 -12.80 24.17
CA LEU A 301 -13.04 -13.51 25.18
C LEU A 301 -12.27 -13.70 26.49
N ALA A 302 -10.96 -13.89 26.39
CA ALA A 302 -10.12 -14.06 27.58
C ALA A 302 -10.08 -12.76 28.38
N CYS A 303 -10.12 -11.62 27.68
CA CYS A 303 -10.09 -10.31 28.33
C CYS A 303 -11.32 -10.10 29.21
N PHE A 304 -12.39 -10.82 28.90
CA PHE A 304 -13.62 -10.66 29.66
C PHE A 304 -14.05 -11.88 30.47
N GLY A 305 -13.08 -12.68 30.89
CA GLY A 305 -13.39 -13.81 31.75
C GLY A 305 -13.21 -15.25 31.32
N LEU A 306 -13.19 -15.52 30.02
CA LEU A 306 -13.04 -16.90 29.56
C LEU A 306 -11.67 -17.46 29.97
N ALA A 307 -11.68 -18.43 30.88
CA ALA A 307 -10.45 -19.03 31.39
C ALA A 307 -10.21 -20.47 30.92
N ARG A 308 -8.97 -20.78 30.56
CA ARG A 308 -8.66 -22.12 30.09
C ARG A 308 -8.92 -23.23 31.11
N GLU A 309 -8.79 -22.93 32.41
CA GLU A 309 -9.04 -23.95 33.43
C GLU A 309 -10.55 -24.24 33.53
N GLY A 310 -11.35 -23.35 32.93
CA GLY A 310 -12.79 -23.52 32.95
C GLY A 310 -13.49 -22.40 33.70
N ASN A 311 -14.80 -22.31 33.50
CA ASN A 311 -15.65 -21.30 34.14
C ASN A 311 -16.94 -21.97 34.63
N HIS A 312 -17.52 -21.48 35.73
CA HIS A 312 -18.79 -22.03 36.22
C HIS A 312 -19.59 -20.97 36.95
N LYS A 313 -20.92 -21.06 36.84
CA LYS A 313 -21.83 -20.10 37.47
C LYS A 313 -21.84 -20.29 38.99
N PRO A 314 -22.21 -19.24 39.74
CA PRO A 314 -22.24 -19.35 41.20
C PRO A 314 -23.41 -20.19 41.70
N ILE A 315 -23.42 -21.47 41.33
CA ILE A 315 -24.46 -22.41 41.73
C ILE A 315 -23.84 -23.77 42.06
N ASP A 316 -24.68 -24.67 42.56
CA ASP A 316 -24.24 -26.02 42.90
C ASP A 316 -24.57 -26.93 41.72
N TYR A 317 -23.57 -27.23 40.90
CA TYR A 317 -23.73 -28.07 39.72
C TYR A 317 -24.03 -29.55 39.98
N LEU A 318 -23.75 -30.02 41.19
CA LEU A 318 -24.01 -31.41 41.54
C LEU A 318 -25.39 -31.59 42.16
N ARG B 6 19.31 13.00 -22.80
CA ARG B 6 20.19 12.02 -22.11
C ARG B 6 20.70 10.97 -23.10
N THR B 7 21.39 9.94 -22.60
CA THR B 7 21.91 8.86 -23.44
C THR B 7 20.81 7.83 -23.60
N ILE B 8 20.43 7.54 -24.84
CA ILE B 8 19.32 6.62 -25.12
C ILE B 8 19.63 5.36 -25.92
N GLY B 9 18.87 4.30 -25.61
CA GLY B 9 19.01 3.03 -26.30
C GLY B 9 17.64 2.61 -26.80
N ILE B 10 17.35 2.87 -28.07
CA ILE B 10 16.05 2.54 -28.65
C ILE B 10 15.88 1.05 -28.97
N ILE B 11 14.71 0.52 -28.61
CA ILE B 11 14.38 -0.88 -28.86
C ILE B 11 12.99 -0.93 -29.49
N GLY B 12 12.91 -1.50 -30.68
CA GLY B 12 11.61 -1.62 -31.34
C GLY B 12 11.00 -2.95 -30.96
N ALA B 13 9.74 -2.95 -30.57
CA ALA B 13 9.08 -4.18 -30.18
C ALA B 13 7.74 -4.33 -30.91
N PRO B 14 7.79 -4.70 -32.20
CA PRO B 14 6.60 -4.88 -33.01
C PRO B 14 5.84 -6.17 -32.63
N PHE B 15 5.08 -6.10 -31.53
CA PHE B 15 4.32 -7.24 -31.03
C PHE B 15 2.87 -6.83 -30.75
N SER B 16 1.91 -7.72 -31.04
CA SER B 16 0.51 -7.42 -30.83
C SER B 16 -0.30 -8.52 -30.15
N LYS B 17 0.26 -9.71 -30.05
CA LYS B 17 -0.45 -10.85 -29.47
C LYS B 17 -0.96 -10.71 -28.04
N GLY B 18 -0.69 -9.58 -27.39
CA GLY B 18 -1.17 -9.37 -26.04
C GLY B 18 -2.61 -8.84 -26.09
N GLN B 19 -3.09 -8.57 -27.29
CA GLN B 19 -4.44 -8.05 -27.49
C GLN B 19 -4.99 -8.42 -28.88
N PRO B 20 -6.29 -8.19 -29.13
CA PRO B 20 -6.97 -8.49 -30.40
C PRO B 20 -6.63 -7.78 -31.72
N ARG B 21 -6.46 -6.46 -31.70
CA ARG B 21 -6.18 -5.70 -32.92
C ARG B 21 -4.73 -5.77 -33.42
N GLY B 22 -4.57 -6.23 -34.65
CA GLY B 22 -3.24 -6.38 -35.24
C GLY B 22 -2.36 -5.17 -35.51
N GLY B 23 -2.94 -4.01 -35.81
CA GLY B 23 -2.12 -2.85 -36.13
C GLY B 23 -1.03 -2.34 -35.19
N VAL B 24 -1.16 -2.61 -33.90
CA VAL B 24 -0.20 -2.13 -32.91
C VAL B 24 1.27 -2.54 -33.16
N GLU B 25 1.50 -3.62 -33.92
CA GLU B 25 2.89 -4.03 -34.19
C GLU B 25 3.58 -3.01 -35.10
N GLU B 26 2.80 -2.11 -35.69
CA GLU B 26 3.35 -1.09 -36.57
C GLU B 26 3.74 0.17 -35.81
N GLY B 27 3.61 0.13 -34.49
CA GLY B 27 3.97 1.27 -33.67
C GLY B 27 5.41 1.72 -33.87
N PRO B 28 6.38 0.80 -33.75
CA PRO B 28 7.80 1.14 -33.94
C PRO B 28 8.10 1.80 -35.29
N THR B 29 7.47 1.27 -36.34
CA THR B 29 7.65 1.76 -37.70
C THR B 29 7.19 3.20 -37.91
N VAL B 30 5.94 3.49 -37.55
CA VAL B 30 5.39 4.82 -37.73
C VAL B 30 6.04 5.85 -36.80
N LEU B 31 6.47 5.39 -35.62
CA LEU B 31 7.13 6.30 -34.68
C LEU B 31 8.46 6.71 -35.26
N ARG B 32 9.15 5.76 -35.89
CA ARG B 32 10.44 6.04 -36.51
C ARG B 32 10.23 6.91 -37.75
N LYS B 33 9.20 6.59 -38.53
CA LYS B 33 8.86 7.35 -39.74
C LYS B 33 8.53 8.79 -39.42
N ALA B 34 8.22 9.07 -38.14
CA ALA B 34 7.88 10.43 -37.72
C ALA B 34 9.14 11.24 -37.41
N GLY B 35 10.28 10.56 -37.39
CA GLY B 35 11.54 11.24 -37.13
C GLY B 35 11.96 11.28 -35.68
N LEU B 36 11.48 10.32 -34.89
CA LEU B 36 11.81 10.27 -33.46
C LEU B 36 13.32 10.27 -33.20
N LEU B 37 14.08 9.48 -33.95
CA LEU B 37 15.52 9.42 -33.75
C LEU B 37 16.20 10.72 -34.11
N GLU B 38 15.78 11.32 -35.22
CA GLU B 38 16.35 12.59 -35.67
C GLU B 38 16.02 13.70 -34.67
N LYS B 39 14.77 13.72 -34.19
CA LYS B 39 14.33 14.73 -33.24
C LYS B 39 15.13 14.64 -31.94
N LEU B 40 15.43 13.42 -31.51
CA LEU B 40 16.20 13.20 -30.29
C LEU B 40 17.63 13.70 -30.46
N LYS B 41 18.22 13.44 -31.63
CA LYS B 41 19.58 13.88 -31.90
C LYS B 41 19.68 15.40 -31.95
N GLU B 42 18.60 16.07 -32.37
CA GLU B 42 18.58 17.52 -32.43
C GLU B 42 18.74 18.06 -31.02
N GLN B 43 18.08 17.40 -30.08
CA GLN B 43 18.14 17.78 -28.68
C GLN B 43 19.48 17.31 -28.11
N GLU B 44 19.64 17.41 -26.81
CA GLU B 44 20.88 16.96 -26.19
C GLU B 44 20.74 15.46 -26.02
N CYS B 45 21.00 14.71 -27.09
CA CYS B 45 20.85 13.26 -27.00
C CYS B 45 21.82 12.41 -27.80
N ASP B 46 22.33 11.37 -27.14
CA ASP B 46 23.24 10.41 -27.75
C ASP B 46 22.38 9.16 -27.90
N VAL B 47 21.86 8.94 -29.11
CA VAL B 47 20.99 7.81 -29.36
C VAL B 47 21.63 6.69 -30.17
N LYS B 48 21.36 5.46 -29.74
CA LYS B 48 21.86 4.27 -30.45
C LYS B 48 20.68 3.33 -30.57
N ASP B 49 20.29 3.04 -31.80
CA ASP B 49 19.15 2.18 -32.05
C ASP B 49 19.51 0.70 -32.12
N TYR B 50 19.04 -0.05 -31.13
CA TYR B 50 19.29 -1.48 -31.07
C TYR B 50 18.34 -2.26 -31.99
N GLY B 51 17.72 -1.53 -32.92
CA GLY B 51 16.80 -2.12 -33.88
C GLY B 51 15.49 -2.67 -33.33
N ASP B 52 14.70 -3.26 -34.22
CA ASP B 52 13.42 -3.86 -33.84
C ASP B 52 13.66 -5.33 -33.54
N LEU B 53 13.00 -5.84 -32.49
CA LEU B 53 13.17 -7.24 -32.12
C LEU B 53 12.41 -8.17 -33.05
N PRO B 54 13.05 -9.28 -33.46
CA PRO B 54 12.39 -10.23 -34.35
C PRO B 54 11.66 -11.26 -33.49
N PHE B 55 10.34 -11.19 -33.48
CA PHE B 55 9.54 -12.13 -32.69
C PHE B 55 9.03 -13.24 -33.59
N ALA B 56 9.50 -14.46 -33.33
CA ALA B 56 9.09 -15.61 -34.12
C ALA B 56 7.66 -16.04 -33.78
N ASP B 57 6.86 -16.22 -34.82
CA ASP B 57 5.48 -16.64 -34.66
C ASP B 57 5.46 -18.04 -34.06
N ILE B 58 4.78 -18.20 -32.92
CA ILE B 58 4.68 -19.51 -32.27
C ILE B 58 3.44 -20.19 -32.82
N PRO B 59 3.62 -21.05 -33.84
CA PRO B 59 2.56 -21.81 -34.52
C PRO B 59 1.44 -22.31 -33.62
N ASN B 60 1.78 -23.20 -32.69
CA ASN B 60 0.82 -23.79 -31.77
C ASN B 60 0.82 -23.10 -30.41
N ASP B 61 0.15 -21.96 -30.31
CA ASP B 61 0.08 -21.23 -29.05
C ASP B 61 -1.32 -21.33 -28.45
N SER B 62 -1.67 -22.54 -28.03
CA SER B 62 -2.99 -22.80 -27.46
C SER B 62 -3.18 -21.97 -26.18
N PRO B 63 -4.43 -21.55 -25.90
CA PRO B 63 -4.76 -20.74 -24.72
C PRO B 63 -4.58 -21.39 -23.35
N PHE B 64 -4.43 -20.54 -22.34
CA PHE B 64 -4.34 -20.99 -20.96
C PHE B 64 -5.66 -20.47 -20.41
N GLN B 65 -6.61 -21.37 -20.21
CA GLN B 65 -7.93 -20.95 -19.74
C GLN B 65 -8.45 -19.96 -20.78
N ILE B 66 -8.73 -18.72 -20.37
CA ILE B 66 -9.22 -17.70 -21.30
C ILE B 66 -8.09 -16.81 -21.82
N VAL B 67 -6.89 -16.99 -21.28
CA VAL B 67 -5.72 -16.19 -21.67
C VAL B 67 -5.16 -16.62 -23.03
N LYS B 68 -5.23 -15.70 -23.99
CA LYS B 68 -4.78 -15.94 -25.36
C LYS B 68 -3.31 -15.64 -25.64
N ASN B 69 -2.74 -16.41 -26.57
CA ASN B 69 -1.34 -16.29 -26.99
C ASN B 69 -0.38 -16.21 -25.82
N PRO B 70 -0.55 -17.08 -24.81
CA PRO B 70 0.36 -17.05 -23.64
C PRO B 70 1.84 -17.26 -23.98
N ARG B 71 2.11 -18.22 -24.84
CA ARG B 71 3.48 -18.53 -25.21
C ARG B 71 4.18 -17.44 -26.01
N SER B 72 3.49 -16.86 -26.99
CA SER B 72 4.12 -15.81 -27.79
C SER B 72 4.27 -14.52 -26.99
N VAL B 73 3.33 -14.26 -26.08
CA VAL B 73 3.40 -13.06 -25.25
C VAL B 73 4.55 -13.21 -24.26
N GLY B 74 4.62 -14.37 -23.62
CA GLY B 74 5.68 -14.63 -22.66
C GLY B 74 7.04 -14.64 -23.33
N LYS B 75 7.10 -15.22 -24.53
CA LYS B 75 8.36 -15.28 -25.26
C LYS B 75 8.82 -13.90 -25.69
N ALA B 76 7.88 -13.09 -26.18
CA ALA B 76 8.20 -11.74 -26.62
C ALA B 76 8.76 -10.92 -25.45
N SER B 77 8.18 -11.09 -24.27
CA SER B 77 8.64 -10.34 -23.10
C SER B 77 9.98 -10.84 -22.60
N GLU B 78 10.25 -12.13 -22.77
CA GLU B 78 11.53 -12.66 -22.33
C GLU B 78 12.63 -12.10 -23.21
N GLN B 79 12.37 -12.02 -24.50
CA GLN B 79 13.34 -11.48 -25.45
C GLN B 79 13.63 -10.02 -25.13
N LEU B 80 12.57 -9.25 -24.92
CA LEU B 80 12.69 -7.82 -24.62
C LEU B 80 13.44 -7.59 -23.32
N ALA B 81 13.22 -8.46 -22.34
CA ALA B 81 13.87 -8.35 -21.04
C ALA B 81 15.40 -8.44 -21.19
N GLY B 82 15.87 -9.36 -22.01
CA GLY B 82 17.29 -9.48 -22.21
C GLY B 82 17.84 -8.29 -22.97
N LYS B 83 17.08 -7.76 -23.91
CA LYS B 83 17.48 -6.60 -24.71
C LYS B 83 17.60 -5.35 -23.84
N VAL B 84 16.62 -5.13 -22.97
CA VAL B 84 16.62 -3.98 -22.08
C VAL B 84 17.79 -4.07 -21.09
N ALA B 85 18.03 -5.26 -20.56
CA ALA B 85 19.13 -5.44 -19.62
C ALA B 85 20.43 -5.09 -20.32
N GLU B 86 20.53 -5.45 -21.59
CA GLU B 86 21.72 -5.18 -22.39
C GLU B 86 21.95 -3.68 -22.52
N VAL B 87 20.92 -2.97 -22.99
CA VAL B 87 21.01 -1.53 -23.16
C VAL B 87 21.28 -0.85 -21.83
N LYS B 88 20.68 -1.35 -20.75
CA LYS B 88 20.91 -0.76 -19.43
C LYS B 88 22.37 -0.97 -19.04
N LYS B 89 22.92 -2.12 -19.44
CA LYS B 89 24.32 -2.43 -19.15
C LYS B 89 25.26 -1.53 -19.94
N ASN B 90 24.79 -1.03 -21.08
CA ASN B 90 25.59 -0.13 -21.90
C ASN B 90 25.48 1.31 -21.41
N GLY B 91 24.98 1.47 -20.18
CA GLY B 91 24.81 2.79 -19.59
C GLY B 91 23.86 3.71 -20.36
N ARG B 92 22.76 3.15 -20.83
CA ARG B 92 21.77 3.91 -21.59
C ARG B 92 20.36 3.77 -21.01
N ILE B 93 19.49 4.69 -21.41
CA ILE B 93 18.09 4.67 -20.99
C ILE B 93 17.36 3.86 -22.06
N SER B 94 16.75 2.74 -21.67
CA SER B 94 16.02 1.94 -22.64
C SER B 94 14.73 2.62 -23.05
N LEU B 95 14.55 2.78 -24.35
CA LEU B 95 13.37 3.41 -24.91
C LEU B 95 12.68 2.35 -25.76
N VAL B 96 11.61 1.76 -25.21
CA VAL B 96 10.87 0.72 -25.89
C VAL B 96 9.66 1.23 -26.69
N LEU B 97 9.75 1.13 -28.01
CA LEU B 97 8.67 1.54 -28.90
C LEU B 97 7.92 0.25 -29.12
N GLY B 98 6.82 0.07 -28.42
CA GLY B 98 6.14 -1.18 -28.57
C GLY B 98 4.82 -1.23 -29.27
N GLY B 99 4.28 -2.45 -29.23
CA GLY B 99 2.98 -2.72 -29.77
C GLY B 99 2.14 -2.66 -28.52
N ASP B 100 1.65 -3.81 -28.05
CA ASP B 100 0.81 -3.82 -26.86
C ASP B 100 1.57 -3.80 -25.52
N HIS B 101 0.85 -3.38 -24.48
CA HIS B 101 1.41 -3.25 -23.14
C HIS B 101 1.82 -4.53 -22.41
N SER B 102 1.58 -5.71 -22.99
CA SER B 102 1.99 -6.94 -22.32
C SER B 102 3.52 -6.95 -22.27
N LEU B 103 4.14 -6.21 -23.19
CA LEU B 103 5.58 -6.12 -23.28
C LEU B 103 6.22 -5.51 -22.03
N ALA B 104 5.43 -4.78 -21.23
CA ALA B 104 5.95 -4.18 -20.01
C ALA B 104 6.52 -5.23 -19.07
N ILE B 105 6.02 -6.46 -19.16
CA ILE B 105 6.54 -7.53 -18.33
C ILE B 105 8.03 -7.66 -18.64
N GLY B 106 8.36 -7.77 -19.92
CA GLY B 106 9.75 -7.89 -20.31
C GLY B 106 10.59 -6.64 -20.10
N SER B 107 9.99 -5.48 -20.35
CA SER B 107 10.67 -4.19 -20.19
C SER B 107 11.11 -3.92 -18.75
N ILE B 108 10.15 -3.97 -17.82
CA ILE B 108 10.45 -3.74 -16.41
C ILE B 108 11.34 -4.85 -15.86
N SER B 109 11.11 -6.09 -16.31
CA SER B 109 11.92 -7.22 -15.86
C SER B 109 13.39 -7.06 -16.22
N GLY B 110 13.66 -6.85 -17.50
CA GLY B 110 15.03 -6.67 -17.95
C GLY B 110 15.68 -5.43 -17.36
N HIS B 111 14.86 -4.46 -16.99
CA HIS B 111 15.33 -3.22 -16.41
C HIS B 111 15.71 -3.45 -14.94
N ALA B 112 14.87 -4.16 -14.21
CA ALA B 112 15.09 -4.46 -12.80
C ALA B 112 16.24 -5.45 -12.57
N ARG B 113 16.74 -6.04 -13.65
CA ARG B 113 17.84 -6.99 -13.54
C ARG B 113 19.12 -6.20 -13.30
N VAL B 114 19.21 -5.03 -13.93
CA VAL B 114 20.37 -4.17 -13.78
C VAL B 114 20.10 -3.15 -12.68
N HIS B 115 18.83 -2.76 -12.53
CA HIS B 115 18.44 -1.77 -11.52
C HIS B 115 17.23 -2.27 -10.73
N PRO B 116 17.44 -3.23 -9.83
CA PRO B 116 16.38 -3.82 -9.00
C PRO B 116 15.69 -2.86 -8.03
N ASP B 117 16.25 -1.65 -7.90
CA ASP B 117 15.69 -0.65 -6.99
C ASP B 117 14.84 0.41 -7.71
N LEU B 118 14.47 0.11 -8.95
CA LEU B 118 13.68 1.03 -9.76
C LEU B 118 12.28 1.28 -9.19
N GLY B 119 11.73 2.44 -9.51
CA GLY B 119 10.39 2.80 -9.09
C GLY B 119 9.64 2.92 -10.39
N VAL B 120 8.35 2.62 -10.40
CA VAL B 120 7.58 2.68 -11.64
C VAL B 120 6.45 3.70 -11.66
N ILE B 121 6.31 4.40 -12.79
CA ILE B 121 5.24 5.35 -13.00
C ILE B 121 4.50 4.78 -14.20
N TRP B 122 3.22 4.46 -13.99
CA TRP B 122 2.39 3.85 -15.00
C TRP B 122 1.28 4.79 -15.45
N VAL B 123 1.47 5.42 -16.60
CA VAL B 123 0.46 6.34 -17.14
C VAL B 123 -0.47 5.49 -17.98
N ASP B 124 -1.75 5.48 -17.63
CA ASP B 124 -2.67 4.61 -18.34
C ASP B 124 -4.11 4.89 -17.92
N ALA B 125 -5.06 4.58 -18.80
CA ALA B 125 -6.46 4.73 -18.46
C ALA B 125 -6.84 3.47 -17.68
N HIS B 126 -5.99 2.45 -17.80
CA HIS B 126 -6.18 1.15 -17.14
C HIS B 126 -5.03 0.77 -16.19
N THR B 127 -5.34 -0.08 -15.21
CA THR B 127 -4.34 -0.55 -14.24
C THR B 127 -3.48 -1.69 -14.78
N ASP B 128 -4.03 -2.46 -15.72
CA ASP B 128 -3.32 -3.58 -16.32
C ASP B 128 -2.79 -4.52 -15.25
N ILE B 129 -3.58 -4.73 -14.20
CA ILE B 129 -3.15 -5.58 -13.10
C ILE B 129 -4.03 -6.84 -12.93
N ASN B 130 -4.75 -7.20 -13.98
CA ASN B 130 -5.55 -8.41 -13.93
C ASN B 130 -4.60 -9.61 -13.87
N THR B 131 -4.99 -10.66 -13.16
CA THR B 131 -4.17 -11.86 -13.09
C THR B 131 -4.79 -12.79 -14.14
N PRO B 132 -4.12 -13.92 -14.44
CA PRO B 132 -4.69 -14.82 -15.44
C PRO B 132 -6.04 -15.37 -14.99
N LEU B 133 -6.36 -15.18 -13.71
CA LEU B 133 -7.60 -15.67 -13.11
C LEU B 133 -8.69 -14.63 -12.87
N THR B 134 -8.37 -13.34 -12.97
CA THR B 134 -9.38 -12.31 -12.78
C THR B 134 -9.75 -11.67 -14.10
N THR B 135 -8.89 -11.85 -15.11
CA THR B 135 -9.15 -11.29 -16.42
C THR B 135 -10.44 -11.86 -17.00
N THR B 136 -11.19 -11.03 -17.72
CA THR B 136 -12.43 -11.48 -18.34
C THR B 136 -12.26 -11.42 -19.86
N SER B 137 -11.40 -10.53 -20.33
CA SER B 137 -11.15 -10.40 -21.76
C SER B 137 -10.14 -11.44 -22.23
N GLY B 138 -9.29 -11.87 -21.30
CA GLY B 138 -8.27 -12.85 -21.63
C GLY B 138 -7.08 -12.24 -22.35
N ASN B 139 -7.09 -10.93 -22.51
CA ASN B 139 -5.98 -10.27 -23.20
C ASN B 139 -4.86 -9.97 -22.20
N LEU B 140 -3.66 -10.44 -22.53
CA LEU B 140 -2.50 -10.27 -21.65
C LEU B 140 -1.98 -8.84 -21.49
N HIS B 141 -2.36 -7.92 -22.38
CA HIS B 141 -1.89 -6.56 -22.27
C HIS B 141 -2.58 -5.87 -21.10
N GLY B 142 -3.55 -6.57 -20.51
CA GLY B 142 -4.27 -6.03 -19.37
C GLY B 142 -3.90 -6.75 -18.08
N GLN B 143 -2.77 -7.46 -18.12
CA GLN B 143 -2.26 -8.23 -16.98
C GLN B 143 -0.78 -8.03 -16.65
N PRO B 144 -0.03 -7.26 -17.47
CA PRO B 144 1.40 -7.10 -17.16
C PRO B 144 1.81 -6.86 -15.72
N VAL B 145 1.14 -5.93 -15.04
CA VAL B 145 1.50 -5.60 -13.67
C VAL B 145 1.44 -6.78 -12.68
N SER B 146 0.43 -7.63 -12.80
CA SER B 146 0.29 -8.77 -11.88
C SER B 146 1.50 -9.70 -11.94
N PHE B 147 2.03 -9.93 -13.14
CA PHE B 147 3.19 -10.80 -13.32
C PHE B 147 4.43 -10.18 -12.70
N LEU B 148 4.40 -8.87 -12.49
CA LEU B 148 5.54 -8.15 -11.92
C LEU B 148 5.51 -7.95 -10.41
N LEU B 149 4.33 -7.73 -9.83
CA LEU B 149 4.24 -7.51 -8.38
C LEU B 149 4.58 -8.70 -7.49
N LYS B 150 5.49 -8.48 -6.55
CA LYS B 150 5.92 -9.52 -5.62
C LYS B 150 4.77 -10.01 -4.74
N GLU B 151 3.85 -9.11 -4.40
CA GLU B 151 2.70 -9.44 -3.55
C GLU B 151 1.64 -10.29 -4.24
N LEU B 152 1.67 -10.35 -5.55
CA LEU B 152 0.69 -11.13 -6.30
C LEU B 152 1.21 -12.50 -6.69
N LYS B 153 2.45 -12.76 -6.31
CA LYS B 153 3.10 -14.05 -6.57
C LYS B 153 2.39 -15.02 -5.63
N GLY B 154 1.72 -16.00 -6.20
CA GLY B 154 0.98 -16.95 -5.40
C GLY B 154 -0.46 -16.89 -5.89
N LYS B 155 -0.78 -15.81 -6.60
CA LYS B 155 -2.10 -15.62 -7.17
C LYS B 155 -1.97 -15.78 -8.68
N ILE B 156 -0.73 -15.86 -9.15
CA ILE B 156 -0.46 -16.02 -10.57
C ILE B 156 -0.22 -17.49 -10.92
N PRO B 157 -1.15 -18.10 -11.68
CA PRO B 157 -1.02 -19.51 -12.09
C PRO B 157 0.15 -19.69 -13.05
N ASP B 158 0.68 -20.90 -13.12
CA ASP B 158 1.78 -21.16 -14.04
C ASP B 158 1.24 -21.17 -15.45
N VAL B 159 1.49 -20.07 -16.16
CA VAL B 159 1.02 -19.91 -17.54
C VAL B 159 2.15 -20.21 -18.51
N PRO B 160 1.88 -21.07 -19.51
CA PRO B 160 2.92 -21.42 -20.48
C PRO B 160 3.58 -20.18 -21.10
N GLY B 161 4.90 -20.09 -20.95
CA GLY B 161 5.63 -18.97 -21.51
C GLY B 161 6.17 -17.96 -20.51
N PHE B 162 5.77 -18.08 -19.24
CA PHE B 162 6.24 -17.13 -18.23
C PHE B 162 7.03 -17.74 -17.07
N SER B 163 7.56 -18.94 -17.26
CA SER B 163 8.32 -19.60 -16.20
C SER B 163 9.55 -18.80 -15.83
N TRP B 164 10.03 -17.99 -16.78
CA TRP B 164 11.22 -17.17 -16.57
C TRP B 164 10.98 -15.95 -15.69
N VAL B 165 9.73 -15.53 -15.57
CA VAL B 165 9.38 -14.35 -14.80
C VAL B 165 9.48 -14.48 -13.28
N THR B 166 10.14 -13.49 -12.68
CA THR B 166 10.31 -13.41 -11.24
C THR B 166 9.84 -12.01 -10.85
N PRO B 167 8.83 -11.92 -9.96
CA PRO B 167 8.28 -10.63 -9.51
C PRO B 167 9.43 -9.71 -9.07
N CYS B 168 9.59 -8.61 -9.80
CA CYS B 168 10.69 -7.68 -9.53
C CYS B 168 10.33 -6.35 -8.87
N ILE B 169 9.04 -6.08 -8.72
CA ILE B 169 8.63 -4.84 -8.09
C ILE B 169 7.58 -5.03 -7.00
N SER B 170 7.70 -4.24 -5.94
CA SER B 170 6.78 -4.29 -4.81
C SER B 170 5.64 -3.30 -5.01
N ALA B 171 4.52 -3.59 -4.35
CA ALA B 171 3.33 -2.75 -4.44
C ALA B 171 3.61 -1.30 -4.09
N LYS B 172 4.54 -1.09 -3.15
CA LYS B 172 4.87 0.26 -2.72
C LYS B 172 5.84 1.03 -3.60
N ASP B 173 6.22 0.45 -4.73
CA ASP B 173 7.16 1.11 -5.63
C ASP B 173 6.63 1.45 -7.01
N ILE B 174 5.31 1.53 -7.13
CA ILE B 174 4.70 1.84 -8.42
C ILE B 174 3.62 2.89 -8.21
N VAL B 175 3.48 3.80 -9.18
CA VAL B 175 2.45 4.84 -9.09
C VAL B 175 1.67 4.92 -10.37
N TYR B 176 0.33 4.91 -10.25
CA TYR B 176 -0.56 5.01 -11.41
C TYR B 176 -1.00 6.46 -11.61
N ILE B 177 -1.14 6.87 -12.86
CA ILE B 177 -1.63 8.21 -13.20
C ILE B 177 -2.49 8.11 -14.47
N GLY B 178 -3.73 8.57 -14.38
CA GLY B 178 -4.62 8.54 -15.53
C GLY B 178 -5.78 7.54 -15.52
N LEU B 179 -5.83 6.68 -14.51
CA LEU B 179 -6.88 5.66 -14.40
C LEU B 179 -8.32 6.15 -14.54
N ARG B 180 -9.11 5.42 -15.32
CA ARG B 180 -10.51 5.78 -15.50
C ARG B 180 -11.39 4.62 -15.99
N ASP B 181 -10.81 3.42 -16.09
CA ASP B 181 -11.54 2.21 -16.51
C ASP B 181 -10.84 0.98 -15.92
N VAL B 182 -11.10 0.73 -14.65
CA VAL B 182 -10.51 -0.38 -13.91
C VAL B 182 -11.56 -1.47 -13.68
N ASP B 183 -11.18 -2.73 -13.91
CA ASP B 183 -12.13 -3.83 -13.71
C ASP B 183 -12.36 -4.04 -12.21
N PRO B 184 -13.48 -4.68 -11.83
CA PRO B 184 -13.81 -4.94 -10.43
C PRO B 184 -12.68 -5.66 -9.66
N GLY B 185 -12.10 -6.68 -10.28
CA GLY B 185 -11.01 -7.43 -9.66
C GLY B 185 -9.78 -6.56 -9.52
N GLU B 186 -9.47 -5.79 -10.55
CA GLU B 186 -8.31 -4.90 -10.51
C GLU B 186 -8.44 -3.88 -9.38
N HIS B 187 -9.66 -3.37 -9.18
CA HIS B 187 -9.89 -2.37 -8.13
C HIS B 187 -9.68 -2.98 -6.74
N TYR B 188 -10.05 -4.25 -6.59
CA TYR B 188 -9.89 -4.95 -5.32
C TYR B 188 -8.40 -5.10 -5.01
N ILE B 189 -7.61 -5.39 -6.04
CA ILE B 189 -6.17 -5.54 -5.89
C ILE B 189 -5.55 -4.20 -5.54
N LEU B 190 -5.90 -3.18 -6.32
CA LEU B 190 -5.39 -1.83 -6.13
C LEU B 190 -5.52 -1.40 -4.66
N LYS B 191 -6.75 -1.43 -4.18
CA LYS B 191 -7.10 -1.03 -2.82
C LYS B 191 -6.51 -1.93 -1.75
N THR B 192 -6.61 -3.23 -1.93
CA THR B 192 -6.09 -4.20 -0.97
C THR B 192 -4.59 -4.10 -0.78
N LEU B 193 -3.85 -4.08 -1.88
CA LEU B 193 -2.39 -4.00 -1.82
C LEU B 193 -1.90 -2.59 -1.50
N GLY B 194 -2.81 -1.62 -1.60
CA GLY B 194 -2.48 -0.24 -1.31
C GLY B 194 -1.56 0.41 -2.29
N ILE B 195 -1.67 0.04 -3.57
CA ILE B 195 -0.83 0.62 -4.61
C ILE B 195 -1.22 2.07 -4.81
N LYS B 196 -0.23 2.96 -4.90
CA LYS B 196 -0.50 4.38 -5.08
C LYS B 196 -1.06 4.71 -6.47
N TYR B 197 -2.16 5.46 -6.50
CA TYR B 197 -2.76 5.81 -7.78
C TYR B 197 -3.37 7.20 -7.78
N PHE B 198 -3.36 7.80 -8.97
CA PHE B 198 -3.97 9.09 -9.19
C PHE B 198 -4.87 8.85 -10.39
N SER B 199 -6.12 8.49 -10.12
CA SER B 199 -7.07 8.25 -11.19
C SER B 199 -7.46 9.64 -11.69
N MET B 200 -8.22 9.71 -12.78
CA MET B 200 -8.63 11.00 -13.29
C MET B 200 -9.30 11.84 -12.20
N THR B 201 -9.93 11.17 -11.23
CA THR B 201 -10.60 11.85 -10.12
C THR B 201 -9.60 12.67 -9.31
N GLU B 202 -8.46 12.06 -8.98
CA GLU B 202 -7.39 12.74 -8.23
C GLU B 202 -6.76 13.84 -9.07
N VAL B 203 -6.59 13.56 -10.36
CA VAL B 203 -6.00 14.54 -11.27
C VAL B 203 -6.91 15.78 -11.31
N ASP B 204 -8.22 15.56 -11.33
CA ASP B 204 -9.15 16.68 -11.35
C ASP B 204 -9.09 17.45 -10.02
N ARG B 205 -8.99 16.71 -8.92
CA ARG B 205 -8.95 17.27 -7.57
C ARG B 205 -7.69 18.07 -7.24
N LEU B 206 -6.53 17.47 -7.51
CA LEU B 206 -5.24 18.07 -7.21
C LEU B 206 -4.61 18.96 -8.29
N GLY B 207 -4.90 18.66 -9.55
CA GLY B 207 -4.29 19.38 -10.64
C GLY B 207 -3.06 18.56 -10.98
N ILE B 208 -2.67 18.50 -12.25
CA ILE B 208 -1.52 17.70 -12.63
C ILE B 208 -0.25 18.15 -11.91
N GLY B 209 -0.20 19.43 -11.55
CA GLY B 209 0.96 19.96 -10.84
C GLY B 209 1.19 19.24 -9.53
N LYS B 210 0.18 19.22 -8.67
CA LYS B 210 0.31 18.57 -7.37
C LYS B 210 0.42 17.05 -7.55
N VAL B 211 -0.19 16.52 -8.60
CA VAL B 211 -0.12 15.07 -8.86
C VAL B 211 1.32 14.61 -9.08
N MET B 212 2.11 15.39 -9.81
CA MET B 212 3.49 15.03 -10.08
C MET B 212 4.38 15.21 -8.86
N GLU B 213 4.09 16.25 -8.08
CA GLU B 213 4.87 16.52 -6.89
C GLU B 213 4.72 15.39 -5.89
N GLU B 214 3.47 14.94 -5.70
CA GLU B 214 3.18 13.86 -4.77
C GLU B 214 3.65 12.52 -5.32
N THR B 215 3.60 12.36 -6.63
CA THR B 215 4.05 11.13 -7.28
C THR B 215 5.56 10.95 -7.06
N LEU B 216 6.32 11.99 -7.38
CA LEU B 216 7.77 11.92 -7.24
C LEU B 216 8.23 11.87 -5.78
N SER B 217 7.48 12.53 -4.90
CA SER B 217 7.82 12.52 -3.49
C SER B 217 7.61 11.12 -2.92
N TYR B 218 6.54 10.46 -3.39
CA TYR B 218 6.18 9.11 -2.96
C TYR B 218 7.23 8.09 -3.40
N LEU B 219 7.73 8.26 -4.62
CA LEU B 219 8.72 7.35 -5.16
C LEU B 219 10.18 7.70 -4.84
N LEU B 220 10.52 8.99 -4.83
CA LEU B 220 11.89 9.41 -4.58
C LEU B 220 12.24 9.98 -3.20
N GLY B 221 11.26 10.03 -2.30
CA GLY B 221 11.50 10.56 -0.97
C GLY B 221 12.51 9.76 -0.17
N ARG B 222 12.22 8.48 0.04
CA ARG B 222 13.11 7.59 0.82
C ARG B 222 14.54 7.76 0.34
N LYS B 223 14.72 7.73 -0.98
CA LYS B 223 16.04 7.87 -1.59
C LYS B 223 15.90 7.97 -3.10
N LYS B 224 16.91 8.51 -3.76
CA LYS B 224 16.90 8.64 -5.21
C LYS B 224 17.08 7.24 -5.79
N ARG B 225 16.23 6.87 -6.76
CA ARG B 225 16.31 5.56 -7.39
C ARG B 225 15.87 5.66 -8.85
N PRO B 226 16.32 4.72 -9.70
CA PRO B 226 15.95 4.73 -11.11
C PRO B 226 14.43 4.76 -11.32
N ILE B 227 14.00 5.47 -12.36
CA ILE B 227 12.58 5.59 -12.69
C ILE B 227 12.25 4.93 -14.03
N HIS B 228 11.22 4.09 -14.02
CA HIS B 228 10.78 3.44 -15.24
C HIS B 228 9.40 3.96 -15.56
N LEU B 229 9.29 4.68 -16.68
CA LEU B 229 7.99 5.22 -17.09
C LEU B 229 7.37 4.33 -18.18
N SER B 230 6.26 3.69 -17.84
CA SER B 230 5.56 2.85 -18.82
C SER B 230 4.35 3.68 -19.25
N PHE B 231 4.43 4.23 -20.45
CA PHE B 231 3.39 5.10 -20.96
C PHE B 231 2.47 4.47 -22.01
N ASP B 232 1.20 4.29 -21.63
CA ASP B 232 0.19 3.76 -22.53
C ASP B 232 -0.48 5.01 -23.10
N VAL B 233 -0.45 5.16 -24.42
CA VAL B 233 -1.03 6.34 -25.05
C VAL B 233 -2.52 6.50 -24.79
N ASP B 234 -3.22 5.44 -24.39
CA ASP B 234 -4.64 5.58 -24.11
C ASP B 234 -4.84 6.25 -22.76
N GLY B 235 -3.71 6.65 -22.15
CA GLY B 235 -3.77 7.33 -20.88
C GLY B 235 -4.30 8.73 -21.17
N LEU B 236 -3.89 9.26 -22.32
CA LEU B 236 -4.33 10.58 -22.76
C LEU B 236 -5.70 10.43 -23.45
N ASP B 237 -6.46 11.51 -23.44
CA ASP B 237 -7.80 11.50 -24.02
C ASP B 237 -7.79 11.14 -25.51
N PRO B 238 -8.78 10.35 -25.95
CA PRO B 238 -8.89 9.92 -27.35
C PRO B 238 -8.93 11.06 -28.38
N SER B 239 -9.11 12.29 -27.90
CA SER B 239 -9.14 13.44 -28.81
C SER B 239 -7.70 13.81 -29.18
N PHE B 240 -6.74 13.25 -28.46
CA PHE B 240 -5.33 13.52 -28.72
C PHE B 240 -4.63 12.27 -29.25
N THR B 241 -5.05 11.11 -28.77
CA THR B 241 -4.47 9.85 -29.23
C THR B 241 -5.57 8.84 -29.57
N PRO B 242 -6.37 9.14 -30.62
CA PRO B 242 -7.45 8.27 -31.07
C PRO B 242 -7.04 6.91 -31.63
N ALA B 243 -5.88 6.85 -32.29
CA ALA B 243 -5.40 5.60 -32.88
C ALA B 243 -4.82 4.65 -31.83
N THR B 244 -5.69 4.11 -30.99
CA THR B 244 -5.29 3.19 -29.93
C THR B 244 -6.42 2.17 -29.70
N GLY B 245 -6.06 0.94 -29.34
CA GLY B 245 -7.02 -0.14 -29.13
C GLY B 245 -8.11 -0.05 -28.07
N THR B 246 -7.81 0.53 -26.93
CA THR B 246 -8.79 0.65 -25.86
C THR B 246 -8.92 2.10 -25.37
N PRO B 247 -9.51 2.97 -26.21
CA PRO B 247 -9.70 4.39 -25.89
C PRO B 247 -10.79 4.60 -24.84
N VAL B 248 -10.59 5.58 -23.96
CA VAL B 248 -11.56 5.88 -22.91
C VAL B 248 -11.71 7.40 -22.79
N VAL B 249 -12.94 7.89 -22.84
CA VAL B 249 -13.21 9.32 -22.75
C VAL B 249 -12.82 9.91 -21.40
N GLY B 250 -12.62 11.23 -21.37
CA GLY B 250 -12.24 11.91 -20.15
C GLY B 250 -10.80 11.68 -19.68
N GLY B 251 -9.87 11.56 -20.63
CA GLY B 251 -8.48 11.31 -20.27
C GLY B 251 -7.60 12.52 -20.05
N LEU B 252 -6.30 12.28 -19.91
CA LEU B 252 -5.33 13.35 -19.71
C LEU B 252 -5.22 14.18 -20.98
N THR B 253 -5.08 15.49 -20.81
CA THR B 253 -4.95 16.37 -21.96
C THR B 253 -3.54 16.29 -22.51
N TYR B 254 -3.34 16.89 -23.68
CA TYR B 254 -2.04 16.94 -24.33
C TYR B 254 -1.08 17.61 -23.35
N ARG B 255 -1.50 18.77 -22.85
CA ARG B 255 -0.71 19.54 -21.90
C ARG B 255 -0.31 18.76 -20.64
N GLU B 256 -1.23 17.96 -20.10
CA GLU B 256 -0.94 17.17 -18.92
C GLU B 256 0.05 16.04 -19.26
N GLY B 257 -0.02 15.57 -20.50
CA GLY B 257 0.88 14.52 -20.93
C GLY B 257 2.30 15.05 -20.98
N LEU B 258 2.46 16.28 -21.46
CA LEU B 258 3.78 16.90 -21.57
C LEU B 258 4.28 17.35 -20.20
N TYR B 259 3.37 17.69 -19.28
CA TYR B 259 3.79 18.11 -17.95
C TYR B 259 4.37 16.94 -17.17
N ILE B 260 3.67 15.80 -17.24
CA ILE B 260 4.10 14.59 -16.56
C ILE B 260 5.51 14.25 -16.99
N THR B 261 5.73 14.22 -18.29
CA THR B 261 7.02 13.87 -18.87
C THR B 261 8.13 14.92 -18.69
N GLU B 262 7.77 16.20 -18.62
CA GLU B 262 8.75 17.26 -18.39
C GLU B 262 9.25 17.18 -16.95
N GLU B 263 8.37 16.79 -16.03
CA GLU B 263 8.74 16.66 -14.61
C GLU B 263 9.59 15.42 -14.37
N ILE B 264 9.30 14.33 -15.07
CA ILE B 264 10.10 13.12 -14.89
C ILE B 264 11.51 13.34 -15.44
N TYR B 265 11.62 14.12 -16.52
CA TYR B 265 12.92 14.42 -17.12
C TYR B 265 13.77 15.20 -16.13
N LYS B 266 13.17 16.19 -15.49
CA LYS B 266 13.91 17.03 -14.56
C LYS B 266 14.36 16.34 -13.28
N THR B 267 13.89 15.11 -13.04
CA THR B 267 14.32 14.39 -11.85
C THR B 267 15.74 13.90 -12.14
N GLY B 268 16.02 13.70 -13.42
CA GLY B 268 17.32 13.21 -13.85
C GLY B 268 17.48 11.73 -13.52
N LEU B 269 16.38 11.06 -13.21
CA LEU B 269 16.43 9.64 -12.85
C LEU B 269 15.73 8.70 -13.82
N LEU B 270 15.20 9.23 -14.92
CA LEU B 270 14.54 8.36 -15.90
C LEU B 270 15.59 7.36 -16.37
N SER B 271 15.27 6.07 -16.28
CA SER B 271 16.20 5.02 -16.71
C SER B 271 15.58 4.08 -17.73
N GLY B 272 14.26 4.08 -17.80
CA GLY B 272 13.56 3.22 -18.74
C GLY B 272 12.24 3.86 -19.15
N LEU B 273 11.85 3.68 -20.40
CA LEU B 273 10.61 4.26 -20.89
C LEU B 273 9.93 3.37 -21.91
N ASP B 274 8.59 3.30 -21.84
CA ASP B 274 7.81 2.52 -22.80
C ASP B 274 6.75 3.44 -23.40
N ILE B 275 6.66 3.43 -24.73
CA ILE B 275 5.65 4.20 -25.46
C ILE B 275 4.82 3.10 -26.10
N MET B 276 3.75 2.71 -25.40
CA MET B 276 2.92 1.61 -25.85
C MET B 276 1.52 1.95 -26.36
N GLU B 277 0.93 0.96 -27.02
CA GLU B 277 -0.43 1.02 -27.56
C GLU B 277 -0.74 1.97 -28.71
N VAL B 278 0.26 2.32 -29.51
CA VAL B 278 -0.01 3.16 -30.66
C VAL B 278 -0.39 2.19 -31.78
N ASN B 279 -1.61 2.28 -32.28
CA ASN B 279 -2.06 1.40 -33.35
C ASN B 279 -2.53 2.22 -34.54
N PRO B 280 -1.61 2.46 -35.51
CA PRO B 280 -1.92 3.23 -36.72
C PRO B 280 -3.14 2.71 -37.48
N SER B 281 -3.27 1.39 -37.56
CA SER B 281 -4.36 0.74 -38.28
C SER B 281 -5.75 1.07 -37.72
N LEU B 282 -5.80 1.67 -36.53
CA LEU B 282 -7.07 2.01 -35.89
C LEU B 282 -7.53 3.46 -35.95
N GLY B 283 -6.81 4.31 -36.68
CA GLY B 283 -7.24 5.69 -36.79
C GLY B 283 -8.36 5.69 -37.81
N LYS B 284 -9.36 6.55 -37.64
CA LYS B 284 -10.46 6.57 -38.61
C LYS B 284 -10.07 7.35 -39.87
N THR B 285 -9.26 8.38 -39.68
CA THR B 285 -8.79 9.19 -40.79
C THR B 285 -7.28 9.17 -40.73
N PRO B 286 -6.61 9.54 -41.82
CA PRO B 286 -5.13 9.56 -41.83
C PRO B 286 -4.63 10.61 -40.84
N GLU B 287 -5.47 11.60 -40.56
CA GLU B 287 -5.15 12.66 -39.64
C GLU B 287 -5.16 12.15 -38.20
N GLU B 288 -6.05 11.23 -37.90
CA GLU B 288 -6.13 10.69 -36.54
C GLU B 288 -4.85 9.90 -36.26
N VAL B 289 -4.25 9.35 -37.31
CA VAL B 289 -3.02 8.60 -37.16
C VAL B 289 -1.85 9.51 -36.86
N THR B 290 -1.73 10.59 -37.65
CA THR B 290 -0.64 11.54 -37.42
C THR B 290 -0.83 12.27 -36.09
N ARG B 291 -2.08 12.49 -35.70
CA ARG B 291 -2.36 13.16 -34.44
C ARG B 291 -1.85 12.29 -33.30
N THR B 292 -2.09 10.99 -33.40
CA THR B 292 -1.67 10.05 -32.37
C THR B 292 -0.15 9.89 -32.35
N VAL B 293 0.44 9.68 -33.53
CA VAL B 293 1.89 9.51 -33.64
C VAL B 293 2.64 10.76 -33.17
N ASN B 294 2.20 11.93 -33.62
CA ASN B 294 2.83 13.19 -33.25
C ASN B 294 2.74 13.46 -31.76
N THR B 295 1.61 13.12 -31.14
CA THR B 295 1.46 13.33 -29.72
C THR B 295 2.40 12.40 -28.98
N ALA B 296 2.55 11.17 -29.47
CA ALA B 296 3.44 10.19 -28.86
C ALA B 296 4.89 10.66 -28.96
N VAL B 297 5.25 11.20 -30.12
CA VAL B 297 6.61 11.69 -30.33
C VAL B 297 6.90 12.88 -29.43
N ALA B 298 5.89 13.74 -29.25
CA ALA B 298 6.04 14.91 -28.39
C ALA B 298 6.27 14.50 -26.95
N ILE B 299 5.56 13.46 -26.50
CA ILE B 299 5.69 12.94 -25.14
C ILE B 299 7.09 12.36 -24.93
N THR B 300 7.55 11.58 -25.90
CA THR B 300 8.87 10.97 -25.82
C THR B 300 9.97 12.03 -25.74
N LEU B 301 9.86 13.06 -26.58
CA LEU B 301 10.84 14.15 -26.62
C LEU B 301 10.94 14.91 -25.28
N ALA B 302 9.81 15.15 -24.63
CA ALA B 302 9.78 15.83 -23.33
C ALA B 302 10.46 14.94 -22.29
N CYS B 303 10.39 13.63 -22.49
CA CYS B 303 11.02 12.68 -21.58
C CYS B 303 12.54 12.82 -21.61
N PHE B 304 13.05 13.41 -22.68
CA PHE B 304 14.49 13.58 -22.83
C PHE B 304 14.99 15.01 -22.92
N GLY B 305 14.30 15.94 -22.26
CA GLY B 305 14.76 17.33 -22.26
C GLY B 305 13.98 18.43 -22.97
N LEU B 306 13.16 18.08 -23.95
CA LEU B 306 12.40 19.09 -24.67
C LEU B 306 11.44 19.77 -23.69
N ALA B 307 11.68 21.06 -23.43
CA ALA B 307 10.85 21.85 -22.51
C ALA B 307 10.10 22.93 -23.27
N ARG B 308 8.85 23.17 -22.87
CA ARG B 308 8.02 24.18 -23.52
C ARG B 308 8.51 25.61 -23.29
N GLU B 309 9.23 25.83 -22.19
CA GLU B 309 9.75 27.17 -21.90
C GLU B 309 10.90 27.45 -22.87
N GLY B 310 11.39 26.39 -23.51
CA GLY B 310 12.48 26.53 -24.45
C GLY B 310 13.70 25.73 -24.06
N ASN B 311 14.67 25.69 -24.97
CA ASN B 311 15.94 24.98 -24.76
C ASN B 311 17.06 25.72 -25.50
N HIS B 312 18.26 25.66 -24.95
CA HIS B 312 19.39 26.28 -25.61
C HIS B 312 20.65 25.51 -25.24
N LYS B 313 21.60 25.46 -26.16
CA LYS B 313 22.83 24.72 -25.93
C LYS B 313 23.83 25.59 -25.17
N PRO B 314 24.87 24.97 -24.59
CA PRO B 314 25.90 25.66 -23.83
C PRO B 314 26.82 26.63 -24.58
N ILE B 315 26.26 27.37 -25.52
CA ILE B 315 27.06 28.36 -26.25
C ILE B 315 26.52 29.75 -25.93
N ASP B 316 26.97 30.76 -26.66
CA ASP B 316 26.50 32.12 -26.43
C ASP B 316 25.73 32.63 -27.64
N TYR B 317 24.50 33.07 -27.40
CA TYR B 317 23.64 33.57 -28.47
C TYR B 317 23.76 35.06 -28.73
N LEU B 318 24.38 35.78 -27.80
CA LEU B 318 24.58 37.22 -27.96
C LEU B 318 26.04 37.55 -28.20
MN MN C . 2.25 -4.00 14.87
MN MN D . 0.43 -1.60 16.21
N1 6HN E . 1.56 -1.09 13.88
N 6HN E . 7.45 0.73 12.52
CA 6HN E . 6.75 0.66 11.21
C 6HN E . 6.25 2.06 10.80
OXT 6HN E . 6.47 3.05 11.57
O 6HN E . 5.62 2.21 9.72
CB 6HN E . 5.61 -0.37 11.31
CG 6HN E . 4.39 0.19 12.07
CD 6HN E . 3.29 -0.87 12.12
CE 6HN E . 2.11 -0.24 12.85
O2 6HN E . 0.25 -1.09 14.06
O1 6HN E . 2.33 -1.84 14.64
N1 6HN F . -3.83 -1.70 -21.63
N 6HN F . -8.88 -3.94 -18.27
CA 6HN F . -9.01 -4.41 -19.68
C 6HN F . -8.46 -5.85 -19.82
OXT 6HN F . -8.00 -6.45 -18.81
O 6HN F . -8.49 -6.43 -20.94
CB 6HN F . -8.28 -3.41 -20.62
CG 6HN F . -6.76 -3.64 -20.69
CD 6HN F . -6.13 -2.62 -21.62
CE 6HN F . -4.63 -2.90 -21.67
O2 6HN F . -2.70 -1.67 -22.33
O1 6HN F . -4.17 -0.65 -20.89
MN MN G . -4.63 1.36 -21.42
MN MN H . -1.82 -0.29 -20.74
#